data_4MB4
#
_entry.id   4MB4
#
_cell.length_a   67.318
_cell.length_b   67.318
_cell.length_c   255.764
_cell.angle_alpha   90.00
_cell.angle_beta   90.00
_cell.angle_gamma   120.00
#
_symmetry.space_group_name_H-M   'P 31 1 2'
#
loop_
_entity.id
_entity.type
_entity.pdbx_description
1 polymer 'Chitinase 60'
2 branched 2-acetamido-2-deoxy-beta-D-glucopyranose-(1-4)-2-acetamido-2-deoxy-beta-D-glucopyranose-(1-4)-2-acetamido-2-deoxy-beta-D-glucopyranose-(1-4)-2-acetamido-2-deoxy-beta-D-glucopyranose
3 non-polymer GLYCEROL
4 non-polymer 'SODIUM ION'
5 non-polymer 'SULFATE ION'
6 non-polymer GLYCINE
7 water water
#
_entity_poly.entity_id   1
_entity_poly.type   'polypeptide(L)'
_entity_poly.pdbx_seq_one_letter_code
;GTITSQDDNVVVGYWHNWCDGRGYQGGNAPCVELKTVNPQYNVVNISFMKVYDIAEGRIPTFKLDPTIALSEAEFIAQID
TLNSQGRSVLIALGGADAHIELTRGDEDALAAEIIRLTDLYGFDGLDIDLQQAAITAKDNQFVIPAALKMVKEHYRKTGD
NFMITMAPEFPYLTANGAYTPYLTELDGYYDFINPQFYNQGGDGLWIEGVGWIAQNNDALKEEFIYYIADSLINGTRNYH
KIPHDKLVFGLPSNIDAAATGYIQDPQDLYKAFDRLKAQGQPLRGVMTWSVNWDMGTDAANNSYNQQFIKDYGNFIHNQL
PPVTDMTPTLSGIVDTRVELDSHFDPLIGITAKDYQGNDITADVTVSGSVNTNQVGDYLLTYSVSSDDETTNQPRKITVY
EILPAFTGITDTTVVIDSEFDPMQGVSASHPTQGDLTANITVTGEVDTNVVGVYELTYQLFYGQDNQQNMTDKRIVTVVT
DAVSDDDWQVGSTYVKDDKVTHNGATWTAQWWTKGEEPGTTGEWGVWR
;
_entity_poly.pdbx_strand_id   A
#
loop_
_chem_comp.id
_chem_comp.type
_chem_comp.name
_chem_comp.formula
GOL non-polymer GLYCEROL 'C3 H8 O3'
NA non-polymer 'SODIUM ION' 'Na 1'
NAG D-saccharide, beta linking 2-acetamido-2-deoxy-beta-D-glucopyranose 'C8 H15 N O6'
NDG D-saccharide, alpha linking 2-acetamido-2-deoxy-alpha-D-glucopyranose 'C8 H15 N O6'
SO4 non-polymer 'SULFATE ION' 'O4 S -2'
#
# COMPACT_ATOMS: atom_id res chain seq x y z
N GLY A 1 -2.61 -41.10 6.14
CA GLY A 1 -3.98 -40.76 5.78
C GLY A 1 -4.20 -39.84 4.56
N THR A 2 -5.44 -39.41 4.37
CA THR A 2 -5.73 -38.64 3.17
C THR A 2 -5.82 -37.14 3.52
N ILE A 3 -5.94 -36.32 2.46
CA ILE A 3 -6.07 -34.86 2.68
C ILE A 3 -7.40 -34.56 3.39
N THR A 4 -7.27 -34.08 4.61
CA THR A 4 -8.37 -33.94 5.55
C THR A 4 -8.56 -32.42 5.80
N SER A 5 -9.73 -31.94 5.41
CA SER A 5 -10.07 -30.53 5.43
CA SER A 5 -9.99 -30.52 5.54
C SER A 5 -11.14 -30.24 6.50
N GLN A 6 -11.26 -29.00 6.93
CA GLN A 6 -12.24 -28.65 7.90
C GLN A 6 -13.40 -27.82 7.29
N ASP A 7 -14.59 -28.37 7.44
CA ASP A 7 -15.74 -27.71 6.93
CA ASP A 7 -15.85 -27.85 6.96
C ASP A 7 -16.41 -26.79 7.95
N ASP A 8 -16.11 -26.99 9.23
CA ASP A 8 -16.84 -26.25 10.26
C ASP A 8 -15.87 -25.28 10.96
N ASN A 9 -16.24 -24.81 12.13
CA ASN A 9 -15.35 -23.88 12.82
C ASN A 9 -14.04 -24.55 13.18
N VAL A 10 -13.02 -23.72 13.34
CA VAL A 10 -11.68 -24.21 13.67
C VAL A 10 -11.14 -23.60 14.92
N VAL A 11 -10.39 -24.40 15.65
CA VAL A 11 -9.48 -23.90 16.68
C VAL A 11 -8.10 -24.33 16.22
N VAL A 12 -7.35 -23.38 15.74
CA VAL A 12 -6.05 -23.61 15.10
C VAL A 12 -4.95 -23.41 16.15
N GLY A 13 -4.01 -24.37 16.19
CA GLY A 13 -2.86 -24.23 17.07
C GLY A 13 -1.57 -24.53 16.38
N TYR A 14 -0.59 -23.65 16.51
CA TYR A 14 0.71 -23.93 15.91
C TYR A 14 1.51 -24.89 16.81
N TRP A 15 2.36 -25.68 16.14
CA TRP A 15 3.19 -26.70 16.78
C TRP A 15 4.67 -26.42 16.47
N HIS A 16 5.46 -26.19 17.52
CA HIS A 16 6.85 -25.82 17.34
C HIS A 16 7.71 -27.03 16.88
N ASN A 17 8.43 -26.87 15.76
CA ASN A 17 9.42 -27.84 15.35
C ASN A 17 10.74 -27.54 16.10
N TRP A 18 10.67 -27.41 17.41
CA TRP A 18 11.87 -27.22 18.25
C TRP A 18 11.48 -27.38 19.72
N CYS A 19 12.49 -27.48 20.61
CA CYS A 19 12.28 -27.72 22.04
C CYS A 19 12.70 -26.51 22.88
N ASP A 20 12.02 -26.32 24.00
CA ASP A 20 12.40 -25.41 25.05
C ASP A 20 12.58 -23.97 24.54
N GLY A 21 11.52 -23.48 23.88
CA GLY A 21 11.50 -22.10 23.44
C GLY A 21 11.33 -21.16 24.62
N ARG A 22 12.08 -20.05 24.61
CA ARG A 22 11.96 -19.09 25.70
C ARG A 22 10.78 -18.13 25.54
N GLY A 23 10.07 -17.88 26.63
CA GLY A 23 8.88 -17.02 26.66
C GLY A 23 9.21 -15.55 26.83
N TYR A 24 8.23 -14.74 26.43
CA TYR A 24 8.40 -13.31 26.62
C TYR A 24 8.43 -12.90 28.10
N GLN A 25 7.96 -13.76 29.00
CA GLN A 25 8.06 -13.51 30.44
C GLN A 25 8.89 -14.57 31.16
N GLY A 26 9.81 -15.14 30.42
CA GLY A 26 10.78 -16.04 31.02
C GLY A 26 10.35 -17.48 31.18
N GLY A 27 9.16 -17.83 30.67
CA GLY A 27 8.70 -19.21 30.70
C GLY A 27 9.37 -20.10 29.65
N ASN A 28 8.82 -21.33 29.54
CA ASN A 28 9.40 -22.31 28.66
C ASN A 28 8.35 -23.09 27.91
N ALA A 29 8.56 -23.27 26.59
CA ALA A 29 7.64 -24.08 25.76
C ALA A 29 8.30 -25.37 25.38
N PRO A 30 7.94 -26.47 26.02
CA PRO A 30 8.59 -27.72 25.60
C PRO A 30 8.23 -28.16 24.21
N CYS A 31 9.05 -28.97 23.53
CA CYS A 31 8.49 -29.69 22.37
C CYS A 31 7.52 -30.71 22.93
N VAL A 32 6.53 -31.03 22.09
CA VAL A 32 5.50 -32.02 22.44
C VAL A 32 5.28 -32.91 21.26
N GLU A 33 4.91 -34.15 21.54
CA GLU A 33 4.48 -35.03 20.47
C GLU A 33 3.16 -34.57 19.91
N LEU A 34 2.96 -34.77 18.60
CA LEU A 34 1.64 -34.41 18.05
C LEU A 34 0.51 -35.13 18.70
N LYS A 35 0.70 -36.40 19.05
CA LYS A 35 -0.36 -37.21 19.61
C LYS A 35 -0.80 -36.74 20.98
N THR A 36 -0.09 -35.77 21.55
CA THR A 36 -0.44 -35.26 22.85
C THR A 36 -1.24 -33.95 22.78
N VAL A 37 -1.33 -33.37 21.59
CA VAL A 37 -2.05 -32.10 21.43
C VAL A 37 -3.56 -32.32 21.68
N ASN A 38 -4.18 -31.42 22.42
CA ASN A 38 -5.59 -31.57 22.79
C ASN A 38 -6.44 -31.75 21.51
N PRO A 39 -7.40 -32.70 21.55
CA PRO A 39 -8.19 -32.97 20.40
C PRO A 39 -8.99 -31.81 19.85
N GLN A 40 -9.25 -30.80 20.72
CA GLN A 40 -10.04 -29.69 20.32
C GLN A 40 -9.29 -28.73 19.40
N TYR A 41 -7.97 -28.87 19.26
CA TYR A 41 -7.22 -28.18 18.19
C TYR A 41 -7.41 -29.04 16.94
N ASN A 42 -8.42 -28.68 16.16
CA ASN A 42 -8.74 -29.41 14.92
C ASN A 42 -7.92 -29.03 13.70
N VAL A 43 -7.08 -27.98 13.83
CA VAL A 43 -6.07 -27.67 12.84
C VAL A 43 -4.77 -27.43 13.59
N VAL A 44 -3.73 -28.18 13.25
CA VAL A 44 -2.41 -28.06 13.92
C VAL A 44 -1.39 -27.73 12.86
N ASN A 45 -0.67 -26.61 13.08
CA ASN A 45 0.20 -26.06 12.04
C ASN A 45 1.66 -26.32 12.40
N ILE A 46 2.31 -27.17 11.62
CA ILE A 46 3.72 -27.52 11.84
C ILE A 46 4.62 -26.30 11.49
N SER A 47 5.45 -25.84 12.42
CA SER A 47 6.10 -24.54 12.25
C SER A 47 7.59 -24.80 12.31
N PHE A 48 8.33 -24.58 11.25
CA PHE A 48 7.99 -23.92 10.00
C PHE A 48 8.75 -24.52 8.84
N MET A 49 8.16 -24.41 7.68
CA MET A 49 8.82 -24.54 6.40
C MET A 49 9.54 -23.21 6.04
N LYS A 50 10.79 -23.29 5.63
CA LYS A 50 11.61 -22.09 5.51
C LYS A 50 12.89 -22.50 4.76
N VAL A 51 13.82 -21.58 4.52
CA VAL A 51 15.12 -21.93 3.98
C VAL A 51 15.99 -22.24 5.16
N TYR A 52 16.44 -23.48 5.21
CA TYR A 52 17.35 -23.93 6.27
C TYR A 52 18.79 -23.52 5.96
N ASP A 53 19.19 -23.65 4.71
CA ASP A 53 20.53 -23.19 4.31
C ASP A 53 20.59 -22.77 2.87
N ILE A 54 21.09 -21.54 2.62
CA ILE A 54 21.01 -20.96 1.29
C ILE A 54 21.79 -21.80 0.29
N ALA A 55 22.66 -22.65 0.79
CA ALA A 55 23.42 -23.53 -0.10
C ALA A 55 22.55 -24.67 -0.67
N GLU A 56 21.29 -24.76 -0.26
CA GLU A 56 20.34 -25.73 -0.87
C GLU A 56 19.46 -25.03 -1.89
N GLY A 57 19.72 -23.75 -2.11
CA GLY A 57 18.96 -22.95 -3.03
C GLY A 57 17.89 -22.11 -2.33
N ARG A 58 17.11 -21.45 -3.15
CA ARG A 58 16.09 -20.50 -2.73
C ARG A 58 14.79 -21.12 -2.25
N ILE A 59 14.52 -22.37 -2.66
CA ILE A 59 13.21 -22.96 -2.37
C ILE A 59 13.16 -23.45 -0.92
N PRO A 60 12.20 -22.95 -0.14
CA PRO A 60 12.14 -23.42 1.25
C PRO A 60 11.69 -24.90 1.36
N THR A 61 11.88 -25.47 2.54
CA THR A 61 11.59 -26.90 2.75
C THR A 61 11.24 -27.10 4.22
N PHE A 62 11.02 -28.35 4.63
CA PHE A 62 10.76 -28.67 6.02
C PHE A 62 11.70 -29.80 6.42
N LYS A 63 12.32 -29.62 7.58
CA LYS A 63 13.22 -30.56 8.18
C LYS A 63 12.85 -30.71 9.65
N LEU A 64 12.37 -31.91 9.96
CA LEU A 64 11.99 -32.23 11.30
C LEU A 64 13.13 -32.13 12.26
N ASP A 65 12.90 -31.51 13.39
CA ASP A 65 13.96 -31.40 14.41
C ASP A 65 14.08 -32.73 15.16
N PRO A 66 15.23 -33.40 15.05
CA PRO A 66 15.28 -34.75 15.59
C PRO A 66 15.27 -34.83 17.09
N THR A 67 15.53 -33.69 17.73
CA THR A 67 15.59 -33.69 19.18
C THR A 67 14.21 -33.77 19.77
N ILE A 68 13.17 -33.66 18.96
CA ILE A 68 11.86 -33.90 19.47
C ILE A 68 11.66 -35.43 19.72
N ALA A 69 12.63 -36.22 19.22
CA ALA A 69 12.71 -37.67 19.39
C ALA A 69 11.55 -38.43 18.68
N LEU A 70 11.03 -37.80 17.63
CA LEU A 70 10.13 -38.46 16.67
C LEU A 70 10.97 -38.81 15.43
N SER A 71 11.05 -40.11 15.08
CA SER A 71 11.60 -40.42 13.78
C SER A 71 10.72 -39.84 12.68
N GLU A 72 11.25 -39.79 11.48
CA GLU A 72 10.43 -39.39 10.35
C GLU A 72 9.15 -40.22 10.34
N ALA A 73 9.35 -41.58 10.42
CA ALA A 73 8.21 -42.46 10.30
C ALA A 73 7.19 -42.29 11.43
N GLU A 74 7.66 -42.03 12.62
CA GLU A 74 6.75 -41.81 13.75
C GLU A 74 5.98 -40.49 13.59
N PHE A 75 6.68 -39.47 13.16
CA PHE A 75 6.01 -38.17 12.88
C PHE A 75 4.91 -38.38 11.88
N ILE A 76 5.22 -39.11 10.81
CA ILE A 76 4.23 -39.46 9.79
C ILE A 76 3.03 -40.20 10.44
N ALA A 77 3.34 -41.21 11.27
CA ALA A 77 2.32 -41.94 11.94
C ALA A 77 1.42 -41.05 12.81
N GLN A 78 2.00 -40.04 13.48
CA GLN A 78 1.17 -39.21 14.36
C GLN A 78 0.30 -38.26 13.54
N ILE A 79 0.78 -37.75 12.42
CA ILE A 79 -0.11 -37.02 11.50
C ILE A 79 -1.26 -37.91 11.01
N ASP A 80 -0.94 -39.16 10.69
CA ASP A 80 -1.99 -40.06 10.27
C ASP A 80 -3.02 -40.26 11.36
N THR A 81 -2.58 -40.35 12.59
CA THR A 81 -3.50 -40.47 13.67
C THR A 81 -4.43 -39.24 13.77
N LEU A 82 -3.86 -38.04 13.72
CA LEU A 82 -4.73 -36.86 13.67
C LEU A 82 -5.73 -36.90 12.53
N ASN A 83 -5.24 -37.26 11.33
CA ASN A 83 -6.12 -37.33 10.16
C ASN A 83 -7.28 -38.38 10.40
N SER A 84 -6.95 -39.48 11.07
N SER A 84 -6.96 -39.47 11.08
CA SER A 84 -7.96 -40.49 11.39
C SER A 84 -9.04 -39.98 12.32
N GLN A 85 -8.66 -38.99 13.13
CA GLN A 85 -9.60 -38.28 14.00
C GLN A 85 -10.34 -37.13 13.27
N GLY A 86 -10.07 -36.94 11.97
CA GLY A 86 -10.71 -35.87 11.26
C GLY A 86 -10.11 -34.49 11.47
N ARG A 87 -8.91 -34.48 11.99
CA ARG A 87 -8.15 -33.21 12.27
C ARG A 87 -7.17 -32.96 11.15
N SER A 88 -6.89 -31.67 10.87
CA SER A 88 -6.01 -31.27 9.81
C SER A 88 -4.61 -30.89 10.37
N VAL A 89 -3.58 -31.19 9.62
CA VAL A 89 -2.23 -30.82 9.99
C VAL A 89 -1.66 -30.06 8.78
N LEU A 90 -1.45 -28.76 8.96
CA LEU A 90 -0.90 -27.94 7.87
C LEU A 90 0.60 -27.74 8.11
N ILE A 91 1.30 -27.39 7.03
CA ILE A 91 2.65 -26.89 7.12
C ILE A 91 2.63 -25.36 7.04
N ALA A 92 3.24 -24.71 8.02
CA ALA A 92 3.26 -23.23 8.07
C ALA A 92 4.54 -22.77 7.44
N LEU A 93 4.41 -21.91 6.45
CA LEU A 93 5.52 -21.32 5.68
C LEU A 93 5.94 -19.98 6.28
N GLY A 94 7.21 -19.87 6.62
CA GLY A 94 7.80 -18.62 7.14
C GLY A 94 8.12 -18.66 8.64
N GLY A 95 7.37 -17.85 9.41
CA GLY A 95 7.60 -17.66 10.83
C GLY A 95 8.50 -16.45 11.04
N ALA A 96 8.67 -16.09 12.30
CA ALA A 96 9.59 -15.00 12.64
C ALA A 96 11.01 -15.31 12.21
N ASP A 97 11.66 -14.30 11.65
CA ASP A 97 13.09 -14.37 11.31
C ASP A 97 13.43 -15.38 10.26
N ALA A 98 12.43 -15.75 9.49
CA ALA A 98 12.67 -16.58 8.34
C ALA A 98 12.68 -15.78 7.07
N HIS A 99 13.81 -15.69 6.43
CA HIS A 99 13.91 -14.93 5.18
C HIS A 99 13.73 -15.89 4.01
N ILE A 100 12.85 -15.53 3.11
CA ILE A 100 12.53 -16.32 1.95
C ILE A 100 12.55 -15.28 0.84
N GLU A 101 13.21 -15.55 -0.27
CA GLU A 101 13.39 -14.58 -1.32
C GLU A 101 13.36 -15.25 -2.69
N LEU A 102 12.21 -15.30 -3.29
CA LEU A 102 12.06 -16.08 -4.51
C LEU A 102 12.01 -15.17 -5.72
N THR A 103 12.43 -15.69 -6.87
CA THR A 103 12.42 -15.00 -8.15
C THR A 103 11.36 -15.58 -9.10
N ARG A 104 10.75 -14.71 -9.89
CA ARG A 104 9.79 -15.06 -10.93
C ARG A 104 10.40 -16.22 -11.71
N GLY A 105 9.64 -17.30 -11.78
CA GLY A 105 10.11 -18.53 -12.39
C GLY A 105 10.27 -19.65 -11.36
N ASP A 106 10.39 -19.27 -10.09
CA ASP A 106 10.56 -20.26 -9.01
C ASP A 106 9.27 -20.97 -8.60
N GLU A 107 8.16 -20.49 -9.12
CA GLU A 107 6.89 -21.06 -8.72
C GLU A 107 6.75 -22.57 -8.99
N ASP A 108 7.25 -23.04 -10.10
CA ASP A 108 7.12 -24.47 -10.42
C ASP A 108 7.87 -25.29 -9.35
N ALA A 109 9.11 -24.89 -9.03
CA ALA A 109 9.91 -25.64 -8.06
C ALA A 109 9.29 -25.56 -6.66
N LEU A 110 8.73 -24.39 -6.34
CA LEU A 110 8.07 -24.26 -5.04
C LEU A 110 6.84 -25.16 -4.95
N ALA A 111 6.02 -25.14 -5.99
CA ALA A 111 4.86 -26.06 -6.00
C ALA A 111 5.29 -27.54 -5.87
N ALA A 112 6.31 -27.90 -6.62
CA ALA A 112 6.80 -29.27 -6.61
C ALA A 112 7.24 -29.65 -5.18
N GLU A 113 7.92 -28.72 -4.49
CA GLU A 113 8.38 -29.04 -3.14
C GLU A 113 7.19 -29.13 -2.16
N ILE A 114 6.21 -28.24 -2.28
CA ILE A 114 5.01 -28.32 -1.41
C ILE A 114 4.34 -29.68 -1.62
N ILE A 115 4.18 -30.09 -2.87
CA ILE A 115 3.57 -31.41 -3.17
C ILE A 115 4.39 -32.54 -2.60
N ARG A 116 5.70 -32.47 -2.76
CA ARG A 116 6.56 -33.53 -2.26
C ARG A 116 6.39 -33.71 -0.74
N LEU A 117 6.46 -32.57 -0.03
CA LEU A 117 6.33 -32.58 1.42
C LEU A 117 4.94 -33.06 1.82
N THR A 118 3.92 -32.57 1.12
CA THR A 118 2.55 -32.93 1.40
C THR A 118 2.34 -34.45 1.23
N ASP A 119 2.88 -34.98 0.16
CA ASP A 119 2.70 -36.44 -0.08
C ASP A 119 3.50 -37.31 0.91
N LEU A 120 4.67 -36.82 1.30
CA LEU A 120 5.52 -37.60 2.20
C LEU A 120 4.95 -37.62 3.62
N TYR A 121 4.57 -36.42 4.14
CA TYR A 121 4.19 -36.33 5.54
C TYR A 121 2.71 -36.49 5.82
N GLY A 122 1.88 -36.30 4.81
CA GLY A 122 0.44 -36.36 4.95
C GLY A 122 -0.15 -35.02 5.39
N PHE A 123 0.55 -33.91 5.12
CA PHE A 123 -0.05 -32.60 5.37
C PHE A 123 -1.34 -32.38 4.59
N ASP A 124 -2.20 -31.54 5.15
CA ASP A 124 -3.48 -31.27 4.57
C ASP A 124 -3.57 -29.89 3.88
N GLY A 125 -2.49 -29.12 3.88
CA GLY A 125 -2.48 -27.76 3.35
C GLY A 125 -1.32 -27.01 3.91
N LEU A 126 -1.35 -25.70 3.64
CA LEU A 126 -0.26 -24.81 3.95
C LEU A 126 -0.80 -23.49 4.49
N ASP A 127 -0.12 -22.99 5.53
CA ASP A 127 -0.41 -21.67 6.14
C ASP A 127 0.69 -20.70 5.71
N ILE A 128 0.29 -19.56 5.13
CA ILE A 128 1.26 -18.52 4.76
C ILE A 128 1.49 -17.63 5.99
N ASP A 129 2.68 -17.76 6.57
CA ASP A 129 3.06 -16.97 7.73
C ASP A 129 4.38 -16.21 7.44
N LEU A 130 4.38 -15.49 6.34
CA LEU A 130 5.46 -14.60 6.02
C LEU A 130 5.45 -13.38 6.91
N GLN A 131 6.64 -12.99 7.36
CA GLN A 131 6.77 -11.82 8.24
C GLN A 131 7.95 -11.00 7.77
N GLN A 132 7.93 -9.74 8.20
CA GLN A 132 9.00 -8.78 7.95
C GLN A 132 9.30 -8.73 6.42
N ALA A 133 10.57 -8.74 6.05
CA ALA A 133 10.92 -8.60 4.65
C ALA A 133 10.41 -9.70 3.76
N ALA A 134 10.22 -10.89 4.34
CA ALA A 134 9.75 -12.01 3.58
C ALA A 134 8.39 -11.75 2.95
N ILE A 135 7.58 -10.85 3.50
CA ILE A 135 6.29 -10.59 2.87
C ILE A 135 6.46 -9.99 1.49
N THR A 136 7.45 -9.11 1.32
CA THR A 136 7.62 -8.39 0.07
C THR A 136 8.92 -8.64 -0.73
N ALA A 137 9.75 -9.53 -0.23
CA ALA A 137 11.06 -9.74 -0.83
C ALA A 137 10.96 -10.19 -2.29
N LYS A 138 11.82 -9.59 -3.12
CA LYS A 138 11.92 -9.94 -4.51
C LYS A 138 10.52 -10.19 -5.18
N ASP A 139 10.27 -11.40 -5.72
CA ASP A 139 9.04 -11.71 -6.39
C ASP A 139 8.11 -12.61 -5.55
N ASN A 140 8.29 -12.66 -4.23
CA ASN A 140 7.44 -13.50 -3.37
C ASN A 140 5.95 -13.27 -3.58
N GLN A 141 5.53 -12.00 -3.71
CA GLN A 141 4.11 -11.70 -3.81
C GLN A 141 3.51 -12.22 -5.10
N PHE A 142 4.37 -12.53 -6.07
CA PHE A 142 3.92 -13.24 -7.28
C PHE A 142 4.13 -14.77 -7.18
N VAL A 143 5.32 -15.20 -6.79
CA VAL A 143 5.70 -16.61 -6.83
C VAL A 143 4.88 -17.47 -5.88
N ILE A 144 4.67 -16.97 -4.67
CA ILE A 144 4.05 -17.84 -3.67
C ILE A 144 2.58 -18.08 -4.05
N PRO A 145 1.83 -17.01 -4.42
CA PRO A 145 0.45 -17.28 -4.90
C PRO A 145 0.40 -18.16 -6.15
N ALA A 146 1.36 -17.98 -7.05
CA ALA A 146 1.33 -18.71 -8.31
C ALA A 146 1.53 -20.20 -7.95
N ALA A 147 2.49 -20.47 -7.09
CA ALA A 147 2.79 -21.86 -6.72
C ALA A 147 1.58 -22.49 -6.03
N LEU A 148 0.93 -21.73 -5.14
CA LEU A 148 -0.14 -22.29 -4.38
C LEU A 148 -1.35 -22.55 -5.28
N LYS A 149 -1.56 -21.73 -6.30
CA LYS A 149 -2.68 -22.06 -7.18
C LYS A 149 -2.43 -23.40 -7.87
N MET A 150 -1.18 -23.64 -8.24
CA MET A 150 -0.81 -24.90 -8.89
C MET A 150 -1.04 -26.06 -7.97
N VAL A 151 -0.71 -25.90 -6.69
CA VAL A 151 -0.86 -26.98 -5.72
C VAL A 151 -2.34 -27.24 -5.52
N LYS A 152 -3.12 -26.18 -5.37
CA LYS A 152 -4.54 -26.35 -5.13
C LYS A 152 -5.13 -27.17 -6.31
N GLU A 153 -4.77 -26.77 -7.53
CA GLU A 153 -5.35 -27.39 -8.72
C GLU A 153 -4.90 -28.81 -8.80
N HIS A 154 -3.65 -29.07 -8.44
CA HIS A 154 -3.12 -30.42 -8.50
C HIS A 154 -3.95 -31.39 -7.66
N TYR A 155 -4.29 -30.96 -6.42
CA TYR A 155 -5.05 -31.82 -5.51
C TYR A 155 -6.53 -31.80 -5.87
N ARG A 156 -7.00 -30.74 -6.52
CA ARG A 156 -8.41 -30.72 -6.93
C ARG A 156 -8.67 -31.82 -7.97
N LYS A 157 -7.68 -32.16 -8.76
CA LYS A 157 -7.84 -33.16 -9.79
C LYS A 157 -8.27 -34.48 -9.20
N THR A 158 -7.87 -34.74 -7.96
CA THR A 158 -8.12 -36.02 -7.33
C THR A 158 -9.18 -35.91 -6.26
N GLY A 159 -9.89 -34.78 -6.30
CA GLY A 159 -11.03 -34.54 -5.44
C GLY A 159 -10.67 -34.08 -4.04
N ASP A 160 -9.46 -33.56 -3.83
CA ASP A 160 -8.96 -33.23 -2.49
C ASP A 160 -8.90 -31.71 -2.40
N ASN A 161 -9.23 -31.20 -1.20
CA ASN A 161 -9.14 -29.78 -0.92
C ASN A 161 -7.91 -29.57 -0.07
N PHE A 162 -6.79 -29.28 -0.70
CA PHE A 162 -5.58 -28.83 -0.03
C PHE A 162 -5.85 -27.46 0.55
N MET A 163 -5.75 -27.39 1.87
CA MET A 163 -6.14 -26.16 2.57
C MET A 163 -5.10 -25.07 2.37
N ILE A 164 -5.57 -23.85 2.17
CA ILE A 164 -4.64 -22.72 2.19
C ILE A 164 -5.13 -21.74 3.23
N THR A 165 -4.23 -21.37 4.17
CA THR A 165 -4.60 -20.40 5.17
C THR A 165 -3.48 -19.33 5.16
N MET A 166 -3.67 -18.28 5.93
CA MET A 166 -2.60 -17.26 6.13
C MET A 166 -2.66 -16.68 7.52
N ALA A 167 -1.51 -16.23 8.03
CA ALA A 167 -1.44 -15.66 9.38
C ALA A 167 -0.78 -14.24 9.31
N PRO A 168 -1.36 -13.34 8.49
CA PRO A 168 -0.83 -11.98 8.49
C PRO A 168 -0.95 -11.28 9.84
N GLU A 169 0.10 -10.54 10.23
CA GLU A 169 -0.08 -9.61 11.30
C GLU A 169 -1.11 -8.58 10.87
N PHE A 170 -2.03 -8.23 11.77
CA PHE A 170 -3.15 -7.39 11.34
C PHE A 170 -2.81 -6.06 10.67
N PRO A 171 -1.72 -5.41 11.03
CA PRO A 171 -1.50 -4.12 10.38
C PRO A 171 -1.28 -4.20 8.89
N TYR A 172 -0.91 -5.38 8.38
CA TYR A 172 -0.68 -5.54 6.99
C TYR A 172 -1.98 -5.70 6.22
N LEU A 173 -3.12 -5.72 6.92
CA LEU A 173 -4.40 -5.98 6.25
C LEU A 173 -5.20 -4.74 5.85
N THR A 174 -4.53 -3.57 5.88
CA THR A 174 -5.16 -2.41 5.29
C THR A 174 -5.40 -2.66 3.83
N ALA A 175 -6.30 -1.89 3.24
CA ALA A 175 -6.82 -2.18 1.92
C ALA A 175 -5.78 -2.34 0.79
N ASN A 176 -4.69 -1.62 0.88
CA ASN A 176 -3.55 -1.67 -0.08
C ASN A 176 -2.28 -2.09 0.63
N GLY A 177 -2.42 -2.89 1.68
CA GLY A 177 -1.27 -3.27 2.49
C GLY A 177 -0.48 -4.41 1.89
N ALA A 178 0.59 -4.78 2.58
CA ALA A 178 1.58 -5.70 2.03
C ALA A 178 1.07 -7.10 1.78
N TYR A 179 0.05 -7.50 2.53
CA TYR A 179 -0.51 -8.84 2.25
C TYR A 179 -1.56 -8.86 1.19
N THR A 180 -1.91 -7.73 0.63
CA THR A 180 -3.13 -7.74 -0.16
C THR A 180 -2.95 -8.55 -1.50
N PRO A 181 -1.74 -8.63 -2.05
CA PRO A 181 -1.49 -9.47 -3.23
C PRO A 181 -1.76 -10.94 -2.91
N TYR A 182 -1.44 -11.38 -1.70
CA TYR A 182 -1.66 -12.80 -1.37
C TYR A 182 -3.16 -13.04 -1.28
N LEU A 183 -3.86 -12.15 -0.57
CA LEU A 183 -5.32 -12.23 -0.43
C LEU A 183 -6.09 -12.15 -1.77
N THR A 184 -5.71 -11.27 -2.66
CA THR A 184 -6.46 -11.11 -3.90
C THR A 184 -6.15 -12.19 -4.88
N GLU A 185 -4.88 -12.54 -5.00
CA GLU A 185 -4.53 -13.59 -5.98
C GLU A 185 -5.12 -14.95 -5.55
N LEU A 186 -5.25 -15.14 -4.24
CA LEU A 186 -5.74 -16.42 -3.71
C LEU A 186 -7.21 -16.35 -3.29
N ASP A 187 -7.94 -15.29 -3.66
CA ASP A 187 -9.38 -15.27 -3.42
CA ASP A 187 -9.38 -15.25 -3.47
C ASP A 187 -10.02 -16.48 -4.10
N GLY A 188 -10.78 -17.25 -3.36
CA GLY A 188 -11.37 -18.44 -3.91
C GLY A 188 -10.57 -19.69 -3.62
N TYR A 189 -9.28 -19.50 -3.38
CA TYR A 189 -8.37 -20.62 -3.10
C TYR A 189 -8.18 -20.84 -1.62
N TYR A 190 -8.22 -19.76 -0.83
CA TYR A 190 -7.93 -19.89 0.58
C TYR A 190 -9.15 -20.29 1.34
N ASP A 191 -8.91 -21.13 2.37
CA ASP A 191 -9.99 -21.63 3.25
C ASP A 191 -10.39 -20.67 4.33
N PHE A 192 -9.38 -20.06 4.96
CA PHE A 192 -9.62 -19.01 5.96
C PHE A 192 -8.29 -18.34 6.24
N ILE A 193 -8.39 -17.15 6.83
CA ILE A 193 -7.25 -16.39 7.23
C ILE A 193 -7.32 -16.32 8.73
N ASN A 194 -6.21 -16.56 9.40
CA ASN A 194 -6.11 -16.34 10.85
C ASN A 194 -5.06 -15.27 11.17
N PRO A 195 -5.46 -14.01 11.00
CA PRO A 195 -4.45 -12.95 11.33
C PRO A 195 -4.00 -13.00 12.76
N GLN A 196 -2.82 -12.43 12.98
CA GLN A 196 -2.24 -12.33 14.33
C GLN A 196 -2.69 -11.01 14.94
N PHE A 197 -3.41 -11.07 16.05
CA PHE A 197 -3.83 -9.89 16.75
C PHE A 197 -2.97 -9.78 18.03
N TYR A 198 -1.69 -9.91 17.85
CA TYR A 198 -0.70 -9.88 18.94
C TYR A 198 0.66 -9.42 18.45
N ASN A 199 1.51 -8.99 19.39
CA ASN A 199 2.87 -8.45 19.11
C ASN A 199 2.87 -7.10 18.35
N GLN A 200 1.71 -6.38 18.36
CA GLN A 200 1.68 -5.10 17.69
C GLN A 200 1.51 -3.94 18.64
N GLY A 201 1.63 -4.20 19.93
CA GLY A 201 1.66 -3.06 20.89
C GLY A 201 0.45 -2.19 20.80
N GLY A 202 0.70 -0.88 20.69
CA GLY A 202 -0.36 0.08 20.61
C GLY A 202 -1.03 0.33 19.29
N ASP A 203 -0.69 -0.48 18.29
CA ASP A 203 -1.35 -0.40 17.02
C ASP A 203 -2.80 -0.83 17.15
N GLY A 204 -3.64 -0.46 16.20
CA GLY A 204 -5.06 -0.72 16.34
C GLY A 204 -5.78 0.05 15.26
N LEU A 205 -6.93 0.63 15.59
CA LEU A 205 -7.72 1.33 14.59
C LEU A 205 -8.53 2.42 15.26
N TRP A 206 -8.86 3.36 14.38
CA TRP A 206 -9.66 4.52 14.75
C TRP A 206 -11.10 4.28 14.37
N ILE A 207 -11.96 4.35 15.36
CA ILE A 207 -13.39 4.20 15.12
C ILE A 207 -14.06 5.60 15.15
N GLU A 208 -14.57 6.08 14.00
CA GLU A 208 -15.18 7.46 13.97
C GLU A 208 -16.29 7.44 15.06
N GLY A 209 -16.20 8.30 16.09
CA GLY A 209 -17.13 8.19 17.23
C GLY A 209 -16.75 7.39 18.51
N VAL A 210 -15.69 6.59 18.57
CA VAL A 210 -15.25 6.01 19.88
C VAL A 210 -13.74 6.26 20.16
N GLY A 211 -12.97 6.53 19.10
CA GLY A 211 -11.58 6.88 19.28
C GLY A 211 -10.66 5.73 18.85
N TRP A 212 -9.41 5.78 19.37
CA TRP A 212 -8.39 4.78 19.03
C TRP A 212 -8.54 3.61 19.96
N ILE A 213 -8.60 2.42 19.33
CA ILE A 213 -8.72 1.18 20.10
C ILE A 213 -7.51 0.32 19.77
N ALA A 214 -6.66 0.19 20.75
CA ALA A 214 -5.35 -0.48 20.59
C ALA A 214 -5.39 -1.98 20.95
N GLN A 215 -4.56 -2.72 20.25
CA GLN A 215 -4.38 -4.16 20.52
C GLN A 215 -3.81 -4.48 21.92
N ASN A 216 -3.20 -3.48 22.60
CA ASN A 216 -2.64 -3.72 23.93
C ASN A 216 -3.48 -3.04 25.02
N ASN A 217 -4.68 -2.60 24.66
CA ASN A 217 -5.59 -2.01 25.62
C ASN A 217 -6.47 -3.08 26.26
N ASP A 218 -6.16 -3.45 27.49
CA ASP A 218 -6.91 -4.49 28.16
C ASP A 218 -8.22 -4.02 28.75
N ALA A 219 -8.44 -2.72 28.81
CA ALA A 219 -9.74 -2.21 29.19
C ALA A 219 -10.73 -2.19 28.06
N LEU A 220 -10.31 -2.26 26.81
CA LEU A 220 -11.23 -2.18 25.70
C LEU A 220 -11.07 -3.40 24.78
N LYS A 221 -10.70 -4.53 25.35
CA LYS A 221 -10.42 -5.70 24.51
C LYS A 221 -11.68 -6.18 23.75
N GLU A 222 -12.84 -6.12 24.40
CA GLU A 222 -14.08 -6.51 23.71
C GLU A 222 -14.27 -5.64 22.44
N GLU A 223 -14.08 -4.32 22.61
CA GLU A 223 -14.21 -3.43 21.48
C GLU A 223 -13.15 -3.62 20.43
N PHE A 224 -11.93 -3.91 20.88
CA PHE A 224 -10.87 -4.21 19.94
C PHE A 224 -11.29 -5.39 19.00
N ILE A 225 -11.67 -6.49 19.63
CA ILE A 225 -12.01 -7.73 18.87
C ILE A 225 -13.22 -7.42 17.96
N TYR A 226 -14.24 -6.79 18.53
CA TYR A 226 -15.43 -6.55 17.78
C TYR A 226 -15.12 -5.64 16.57
N TYR A 227 -14.51 -4.46 16.84
CA TYR A 227 -14.37 -3.53 15.76
C TYR A 227 -13.37 -3.91 14.71
N ILE A 228 -12.26 -4.54 15.08
CA ILE A 228 -11.31 -4.95 14.04
C ILE A 228 -11.93 -6.08 13.17
N ALA A 229 -12.65 -7.00 13.81
CA ALA A 229 -13.32 -8.05 13.02
C ALA A 229 -14.42 -7.48 12.14
N ASP A 230 -15.19 -6.60 12.73
CA ASP A 230 -16.26 -6.02 11.96
C ASP A 230 -15.70 -5.30 10.69
N SER A 231 -14.57 -4.59 10.85
CA SER A 231 -13.95 -3.87 9.75
C SER A 231 -13.44 -4.86 8.72
N LEU A 232 -12.80 -5.96 9.18
CA LEU A 232 -12.31 -6.95 8.20
C LEU A 232 -13.44 -7.65 7.42
N ILE A 233 -14.49 -8.01 8.12
CA ILE A 233 -15.48 -8.87 7.46
C ILE A 233 -16.40 -8.07 6.53
N ASN A 234 -16.36 -6.74 6.65
CA ASN A 234 -17.11 -5.86 5.76
C ASN A 234 -16.21 -5.00 4.85
N GLY A 235 -14.92 -5.15 4.96
CA GLY A 235 -14.08 -4.24 4.21
C GLY A 235 -14.21 -2.77 4.46
N THR A 236 -14.44 -2.44 5.71
CA THR A 236 -14.61 -1.04 6.09
C THR A 236 -13.41 -0.55 6.89
N ARG A 237 -13.40 0.76 7.11
CA ARG A 237 -12.40 1.39 7.97
C ARG A 237 -10.99 1.11 7.46
N ASN A 238 -10.85 1.05 6.15
CA ASN A 238 -9.59 0.89 5.49
C ASN A 238 -8.94 -0.47 5.59
N TYR A 239 -9.76 -1.45 5.93
CA TYR A 239 -9.25 -2.82 5.92
C TYR A 239 -9.70 -3.57 4.69
N HIS A 240 -8.86 -4.51 4.26
CA HIS A 240 -9.24 -5.38 3.18
C HIS A 240 -10.27 -6.37 3.65
N LYS A 241 -11.23 -6.67 2.79
CA LYS A 241 -12.31 -7.59 3.23
C LYS A 241 -11.86 -9.03 3.30
N ILE A 242 -12.09 -9.67 4.45
CA ILE A 242 -11.94 -11.14 4.61
C ILE A 242 -13.33 -11.58 5.08
N PRO A 243 -14.05 -12.39 4.27
CA PRO A 243 -15.41 -12.74 4.67
C PRO A 243 -15.45 -13.41 6.05
N HIS A 244 -16.55 -13.21 6.77
CA HIS A 244 -16.66 -13.69 8.17
C HIS A 244 -16.52 -15.23 8.32
N ASP A 245 -17.02 -15.94 7.31
CA ASP A 245 -16.94 -17.39 7.26
C ASP A 245 -15.53 -17.85 7.05
N LYS A 246 -14.62 -16.92 6.78
CA LYS A 246 -13.20 -17.18 6.48
C LYS A 246 -12.23 -16.41 7.42
N LEU A 247 -12.78 -15.84 8.50
CA LEU A 247 -11.97 -15.09 9.46
C LEU A 247 -11.89 -15.82 10.80
N VAL A 248 -10.64 -16.12 11.19
CA VAL A 248 -10.27 -16.81 12.40
C VAL A 248 -9.38 -15.90 13.26
N PHE A 249 -9.72 -15.69 14.53
CA PHE A 249 -9.06 -14.60 15.31
C PHE A 249 -7.83 -15.14 16.02
N GLY A 250 -6.64 -14.73 15.56
CA GLY A 250 -5.38 -15.28 16.09
C GLY A 250 -4.92 -14.57 17.38
N LEU A 251 -4.47 -15.37 18.36
CA LEU A 251 -4.18 -14.88 19.72
C LEU A 251 -3.02 -15.59 20.34
N PRO A 252 -2.36 -14.99 21.31
CA PRO A 252 -1.34 -15.72 22.06
C PRO A 252 -2.00 -16.60 23.11
N SER A 253 -1.45 -17.76 23.42
CA SER A 253 -2.03 -18.65 24.38
CA SER A 253 -2.09 -18.63 24.37
C SER A 253 -2.03 -18.07 25.79
N ASN A 254 -1.00 -17.27 26.05
CA ASN A 254 -0.71 -16.74 27.40
C ASN A 254 0.39 -15.66 27.25
N ILE A 255 0.73 -15.04 28.38
CA ILE A 255 1.68 -13.93 28.36
C ILE A 255 3.11 -14.29 27.96
N ASP A 256 3.47 -15.58 28.01
CA ASP A 256 4.77 -16.00 27.56
C ASP A 256 4.81 -16.13 26.07
N ALA A 257 3.66 -16.42 25.45
CA ALA A 257 3.65 -16.75 24.02
C ALA A 257 3.84 -15.55 23.09
N ALA A 258 3.52 -14.36 23.55
CA ALA A 258 3.68 -13.12 22.73
C ALA A 258 3.89 -11.97 23.72
N ALA A 259 4.50 -10.90 23.24
CA ALA A 259 4.75 -9.74 24.09
C ALA A 259 3.48 -9.11 24.56
N THR A 260 2.56 -8.88 23.59
CA THR A 260 1.30 -8.29 23.87
C THR A 260 0.24 -9.00 23.06
N GLY A 261 -1.02 -8.81 23.49
CA GLY A 261 -2.19 -9.37 22.79
C GLY A 261 -2.94 -10.44 23.54
N TYR A 262 -2.37 -10.97 24.61
CA TYR A 262 -3.09 -11.94 25.43
C TYR A 262 -4.39 -11.37 25.98
N ILE A 263 -5.47 -12.15 25.92
CA ILE A 263 -6.75 -11.78 26.46
C ILE A 263 -6.81 -12.16 27.90
N GLN A 264 -6.82 -11.14 28.76
CA GLN A 264 -6.88 -11.35 30.18
C GLN A 264 -8.20 -11.96 30.61
N ASP A 265 -9.30 -11.49 30.03
CA ASP A 265 -10.63 -11.96 30.44
C ASP A 265 -11.34 -12.51 29.20
N PRO A 266 -11.45 -13.84 29.12
CA PRO A 266 -12.05 -14.48 27.93
C PRO A 266 -13.48 -13.98 27.63
N GLN A 267 -14.18 -13.47 28.66
CA GLN A 267 -15.48 -12.88 28.44
C GLN A 267 -15.46 -11.80 27.33
N ASP A 268 -14.37 -11.07 27.21
CA ASP A 268 -14.28 -10.02 26.20
C ASP A 268 -14.38 -10.63 24.79
N LEU A 269 -13.79 -11.83 24.61
CA LEU A 269 -13.91 -12.52 23.33
C LEU A 269 -15.30 -13.12 23.12
N TYR A 270 -15.82 -13.78 24.13
CA TYR A 270 -17.15 -14.39 24.02
C TYR A 270 -18.15 -13.32 23.55
N LYS A 271 -18.11 -12.14 24.21
CA LYS A 271 -19.07 -11.09 23.92
C LYS A 271 -18.90 -10.48 22.54
N ALA A 272 -17.64 -10.23 22.16
CA ALA A 272 -17.38 -9.75 20.83
C ALA A 272 -17.85 -10.72 19.74
N PHE A 273 -17.52 -12.01 19.90
CA PHE A 273 -18.00 -13.00 18.95
C PHE A 273 -19.54 -13.03 18.94
N ASP A 274 -20.17 -12.93 20.10
CA ASP A 274 -21.63 -12.95 20.12
C ASP A 274 -22.18 -11.74 19.36
N ARG A 275 -21.55 -10.58 19.55
CA ARG A 275 -22.01 -9.40 18.84
C ARG A 275 -21.89 -9.56 17.31
N LEU A 276 -20.81 -10.18 16.87
CA LEU A 276 -20.64 -10.44 15.46
C LEU A 276 -21.69 -11.42 14.94
N LYS A 277 -21.98 -12.43 15.73
CA LYS A 277 -23.11 -13.34 15.39
C LYS A 277 -24.47 -12.57 15.31
N ALA A 278 -24.64 -11.59 16.20
CA ALA A 278 -25.93 -10.92 16.29
C ALA A 278 -26.17 -10.10 15.04
N GLN A 279 -25.12 -9.60 14.40
CA GLN A 279 -25.29 -8.84 13.16
C GLN A 279 -25.25 -9.72 11.91
N GLY A 280 -25.38 -11.03 12.08
CA GLY A 280 -25.40 -11.92 10.97
C GLY A 280 -24.09 -12.42 10.44
N GLN A 281 -23.00 -12.21 11.16
CA GLN A 281 -21.66 -12.48 10.63
C GLN A 281 -20.76 -13.24 11.61
N PRO A 282 -21.14 -14.45 11.98
CA PRO A 282 -20.32 -15.19 12.94
C PRO A 282 -18.96 -15.48 12.35
N LEU A 283 -17.96 -15.44 13.19
CA LEU A 283 -16.59 -15.74 12.78
C LEU A 283 -16.36 -17.24 12.66
N ARG A 284 -15.24 -17.61 12.07
CA ARG A 284 -14.94 -19.02 11.73
C ARG A 284 -14.12 -19.72 12.81
N GLY A 285 -13.61 -19.01 13.81
CA GLY A 285 -12.88 -19.68 14.91
C GLY A 285 -11.85 -18.77 15.52
N VAL A 286 -10.93 -19.43 16.23
CA VAL A 286 -9.74 -18.76 16.82
C VAL A 286 -8.51 -19.57 16.43
N MET A 287 -7.39 -18.90 16.54
CA MET A 287 -6.10 -19.49 16.32
C MET A 287 -5.17 -19.07 17.48
N THR A 288 -4.19 -19.91 17.78
CA THR A 288 -3.24 -19.54 18.80
C THR A 288 -1.81 -19.96 18.49
N TRP A 289 -0.88 -19.01 18.83
CA TRP A 289 0.52 -19.33 19.07
C TRP A 289 0.51 -19.56 20.58
N SER A 290 0.54 -20.83 21.03
CA SER A 290 0.79 -22.06 20.25
C SER A 290 0.39 -23.24 21.16
N VAL A 291 0.25 -24.43 20.58
CA VAL A 291 -0.11 -25.55 21.47
C VAL A 291 1.02 -25.79 22.46
N ASN A 292 2.25 -25.54 22.02
CA ASN A 292 3.42 -25.71 22.93
C ASN A 292 3.37 -24.75 24.14
N TRP A 293 2.98 -23.49 23.88
CA TRP A 293 2.83 -22.53 24.97
C TRP A 293 1.63 -22.91 25.86
N ASP A 294 0.54 -23.43 25.27
CA ASP A 294 -0.60 -23.88 26.04
C ASP A 294 -0.24 -25.02 26.97
N MET A 295 0.80 -25.78 26.63
CA MET A 295 1.28 -26.89 27.43
C MET A 295 2.64 -26.59 28.09
N GLY A 296 2.96 -25.30 28.18
CA GLY A 296 4.23 -24.83 28.66
C GLY A 296 4.22 -24.44 30.13
N THR A 297 5.32 -23.83 30.52
CA THR A 297 5.48 -23.37 31.92
C THR A 297 5.84 -21.91 31.97
N ASP A 298 5.52 -21.28 33.09
CA ASP A 298 5.97 -19.90 33.31
C ASP A 298 7.33 -19.86 34.02
N ALA A 299 7.77 -18.65 34.33
CA ALA A 299 9.10 -18.47 34.87
C ALA A 299 9.24 -19.06 36.22
N ALA A 300 8.13 -19.28 36.92
CA ALA A 300 8.19 -19.92 38.21
C ALA A 300 8.05 -21.44 38.08
N ASN A 301 8.10 -21.94 36.85
CA ASN A 301 7.92 -23.37 36.60
CA ASN A 301 7.91 -23.40 36.55
C ASN A 301 6.51 -23.91 36.88
N ASN A 302 5.52 -23.02 36.92
CA ASN A 302 4.12 -23.44 36.98
C ASN A 302 3.56 -23.70 35.59
N SER A 303 2.78 -24.75 35.49
N SER A 303 2.79 -24.79 35.47
CA SER A 303 2.20 -25.15 34.20
CA SER A 303 2.21 -25.15 34.17
C SER A 303 1.02 -24.30 33.80
N TYR A 304 1.03 -23.89 32.53
CA TYR A 304 -0.15 -23.24 31.95
C TYR A 304 -1.33 -24.18 31.87
N ASN A 305 -1.04 -25.46 31.74
CA ASN A 305 -2.06 -26.47 31.83
C ASN A 305 -3.30 -26.26 30.95
N GLN A 306 -3.05 -25.93 29.69
CA GLN A 306 -4.05 -25.91 28.65
C GLN A 306 -5.10 -24.80 28.85
N GLN A 307 -4.74 -23.69 29.53
CA GLN A 307 -5.73 -22.67 29.81
C GLN A 307 -6.40 -22.09 28.56
N PHE A 308 -5.65 -22.00 27.47
CA PHE A 308 -6.24 -21.40 26.27
C PHE A 308 -7.40 -22.27 25.70
N ILE A 309 -7.12 -23.55 25.55
CA ILE A 309 -8.14 -24.46 25.01
C ILE A 309 -9.31 -24.57 25.99
N LYS A 310 -9.02 -24.50 27.28
CA LYS A 310 -10.05 -24.46 28.30
C LYS A 310 -10.94 -23.25 28.09
N ASP A 311 -10.33 -22.10 27.84
CA ASP A 311 -11.15 -20.91 27.67
C ASP A 311 -11.93 -20.85 26.36
N TYR A 312 -11.40 -21.43 25.26
CA TYR A 312 -11.99 -21.17 23.96
C TYR A 312 -12.46 -22.40 23.14
N GLY A 313 -12.01 -23.61 23.51
CA GLY A 313 -12.34 -24.77 22.67
C GLY A 313 -13.85 -25.00 22.54
N ASN A 314 -14.48 -25.13 23.67
CA ASN A 314 -15.88 -25.43 23.66
C ASN A 314 -16.71 -24.24 23.09
N PHE A 315 -16.32 -23.02 23.46
CA PHE A 315 -17.01 -21.86 22.93
C PHE A 315 -17.03 -21.84 21.40
N ILE A 316 -15.91 -22.12 20.79
CA ILE A 316 -15.83 -22.06 19.35
C ILE A 316 -16.43 -23.27 18.65
N HIS A 317 -16.27 -24.44 19.22
CA HIS A 317 -16.83 -25.62 18.56
C HIS A 317 -18.33 -25.72 18.70
N ASN A 318 -18.88 -25.21 19.79
CA ASN A 318 -20.32 -25.23 20.02
C ASN A 318 -21.01 -24.08 19.30
N GLN A 319 -20.89 -24.08 17.98
CA GLN A 319 -21.43 -23.07 17.09
C GLN A 319 -21.95 -23.73 15.82
N LEU A 320 -22.90 -23.07 15.15
CA LEU A 320 -23.35 -23.52 13.85
C LEU A 320 -22.26 -23.52 12.80
N PRO A 321 -22.42 -24.39 11.79
CA PRO A 321 -21.44 -24.37 10.74
C PRO A 321 -21.44 -23.00 10.03
N PRO A 322 -20.35 -22.73 9.32
CA PRO A 322 -20.26 -21.45 8.60
C PRO A 322 -21.25 -21.34 7.45
N VAL A 323 -21.63 -20.10 7.18
CA VAL A 323 -22.51 -19.75 6.06
C VAL A 323 -21.70 -18.88 5.09
N THR A 324 -21.53 -19.35 3.87
CA THR A 324 -20.60 -18.72 2.96
C THR A 324 -21.07 -17.35 2.52
N ASP A 325 -20.18 -16.34 2.60
CA ASP A 325 -20.42 -15.06 2.00
C ASP A 325 -20.04 -15.13 0.53
N MET A 326 -21.03 -15.09 -0.38
CA MET A 326 -20.81 -15.35 -1.81
C MET A 326 -20.70 -14.06 -2.64
N THR A 327 -20.35 -12.97 -1.97
CA THR A 327 -20.24 -11.73 -2.72
C THR A 327 -19.03 -11.76 -3.62
N PRO A 328 -19.18 -11.27 -4.85
CA PRO A 328 -18.04 -11.16 -5.76
C PRO A 328 -17.13 -9.99 -5.41
N THR A 329 -15.98 -9.92 -6.09
CA THR A 329 -15.03 -8.82 -5.89
C THR A 329 -14.75 -8.10 -7.19
N LEU A 330 -14.41 -6.83 -7.06
CA LEU A 330 -13.90 -6.01 -8.15
C LEU A 330 -12.45 -5.65 -7.84
N SER A 331 -11.61 -5.54 -8.84
CA SER A 331 -10.21 -5.20 -8.64
C SER A 331 -9.79 -4.18 -9.65
N GLY A 332 -8.83 -3.37 -9.25
CA GLY A 332 -8.20 -2.45 -10.15
C GLY A 332 -8.76 -1.06 -10.24
N ILE A 333 -9.83 -0.79 -9.49
CA ILE A 333 -10.52 0.51 -9.61
C ILE A 333 -9.84 1.56 -8.72
N VAL A 334 -9.40 2.62 -9.38
CA VAL A 334 -8.76 3.74 -8.65
C VAL A 334 -9.15 5.05 -9.31
N ASP A 335 -9.45 6.06 -8.49
CA ASP A 335 -9.79 7.39 -9.02
C ASP A 335 -8.63 7.80 -9.92
N THR A 336 -8.95 8.39 -11.06
CA THR A 336 -7.96 8.64 -12.10
C THR A 336 -8.10 10.06 -12.63
N ARG A 337 -6.95 10.71 -12.84
CA ARG A 337 -6.86 12.02 -13.48
C ARG A 337 -6.48 11.85 -14.94
N VAL A 338 -7.22 12.55 -15.79
CA VAL A 338 -7.06 12.45 -17.22
CA VAL A 338 -7.15 12.46 -17.23
C VAL A 338 -6.97 13.86 -17.82
N GLU A 339 -5.98 14.04 -18.68
CA GLU A 339 -5.76 15.37 -19.27
C GLU A 339 -6.84 15.67 -20.33
N LEU A 340 -7.23 16.93 -20.40
CA LEU A 340 -8.22 17.38 -21.36
C LEU A 340 -7.92 16.81 -22.73
N ASP A 341 -8.98 16.27 -23.32
CA ASP A 341 -9.02 15.73 -24.66
C ASP A 341 -8.22 14.45 -24.90
N SER A 342 -7.70 13.83 -23.82
CA SER A 342 -7.01 12.57 -23.98
C SER A 342 -8.05 11.44 -24.09
N HIS A 343 -7.63 10.27 -24.55
CA HIS A 343 -8.59 9.15 -24.66
C HIS A 343 -8.71 8.46 -23.32
N PHE A 344 -9.93 8.06 -22.98
CA PHE A 344 -10.16 7.39 -21.71
C PHE A 344 -11.02 6.17 -21.96
N ASP A 345 -10.54 5.04 -21.47
CA ASP A 345 -11.25 3.78 -21.59
C ASP A 345 -11.56 3.29 -20.22
N PRO A 346 -12.84 3.26 -19.87
CA PRO A 346 -13.28 2.95 -18.51
C PRO A 346 -13.11 1.48 -18.10
N LEU A 347 -12.78 0.59 -19.02
CA LEU A 347 -12.65 -0.83 -18.68
C LEU A 347 -11.21 -1.26 -18.44
N ILE A 348 -10.25 -0.49 -18.97
CA ILE A 348 -8.87 -0.95 -18.89
C ILE A 348 -8.41 -1.04 -17.43
N GLY A 349 -7.78 -2.16 -17.08
CA GLY A 349 -7.22 -2.42 -15.75
C GLY A 349 -8.17 -2.94 -14.69
N ILE A 350 -9.43 -3.09 -15.07
CA ILE A 350 -10.45 -3.47 -14.11
C ILE A 350 -10.91 -4.90 -14.35
N THR A 351 -10.92 -5.68 -13.29
CA THR A 351 -11.32 -7.08 -13.37
C THR A 351 -12.31 -7.43 -12.25
N ALA A 352 -12.86 -8.65 -12.33
CA ALA A 352 -13.80 -9.11 -11.31
C ALA A 352 -13.73 -10.63 -11.16
N LYS A 353 -14.03 -11.10 -9.95
CA LYS A 353 -14.08 -12.54 -9.64
C LYS A 353 -15.31 -12.87 -8.83
N ASP A 354 -15.85 -14.05 -9.03
CA ASP A 354 -16.87 -14.56 -8.13
C ASP A 354 -16.21 -15.07 -6.87
N TYR A 355 -17.03 -15.50 -5.92
CA TYR A 355 -16.52 -15.85 -4.59
C TYR A 355 -15.59 -17.07 -4.60
N GLN A 356 -15.62 -17.84 -5.69
CA GLN A 356 -14.76 -18.97 -5.90
C GLN A 356 -13.50 -18.68 -6.69
N GLY A 357 -13.29 -17.39 -6.98
CA GLY A 357 -12.14 -16.95 -7.74
C GLY A 357 -12.20 -17.09 -9.24
N ASN A 358 -13.38 -17.43 -9.79
CA ASN A 358 -13.51 -17.51 -11.24
C ASN A 358 -13.53 -16.09 -11.80
N ASP A 359 -12.90 -15.86 -12.95
CA ASP A 359 -12.93 -14.55 -13.56
C ASP A 359 -14.33 -14.25 -14.11
N ILE A 360 -14.91 -13.15 -13.68
CA ILE A 360 -16.16 -12.69 -14.24
C ILE A 360 -16.05 -11.25 -14.75
N THR A 361 -14.84 -10.89 -15.19
CA THR A 361 -14.64 -9.55 -15.73
C THR A 361 -15.65 -9.12 -16.82
N ALA A 362 -16.01 -10.05 -17.69
CA ALA A 362 -16.86 -9.73 -18.82
C ALA A 362 -18.22 -9.32 -18.38
N ASP A 363 -18.56 -9.63 -17.14
CA ASP A 363 -19.86 -9.32 -16.54
C ASP A 363 -19.91 -7.96 -15.83
N VAL A 364 -18.77 -7.28 -15.70
CA VAL A 364 -18.76 -5.94 -15.12
C VAL A 364 -19.57 -4.96 -16.00
N THR A 365 -20.37 -4.13 -15.35
CA THR A 365 -21.03 -3.02 -16.05
C THR A 365 -20.63 -1.71 -15.40
N VAL A 366 -20.73 -0.65 -16.20
CA VAL A 366 -20.35 0.69 -15.73
C VAL A 366 -21.46 1.65 -15.94
N SER A 367 -21.75 2.43 -14.92
CA SER A 367 -22.70 3.50 -15.18
C SER A 367 -22.11 4.86 -14.90
N GLY A 368 -22.58 5.85 -15.65
CA GLY A 368 -21.92 7.15 -15.64
C GLY A 368 -21.10 7.33 -16.90
N SER A 369 -20.64 8.53 -17.17
CA SER A 369 -19.79 8.74 -18.34
CA SER A 369 -19.82 8.74 -18.35
C SER A 369 -18.88 9.91 -18.13
N VAL A 370 -17.78 9.87 -18.85
CA VAL A 370 -16.76 10.87 -18.73
C VAL A 370 -16.73 11.64 -20.04
N ASN A 371 -16.67 12.95 -19.91
CA ASN A 371 -16.45 13.85 -21.05
C ASN A 371 -15.07 14.45 -20.98
N THR A 372 -14.13 13.86 -21.72
CA THR A 372 -12.75 14.30 -21.61
C THR A 372 -12.57 15.66 -22.29
N ASN A 373 -13.58 16.14 -22.98
CA ASN A 373 -13.50 17.48 -23.64
C ASN A 373 -13.96 18.62 -22.76
N GLN A 374 -14.22 18.30 -21.50
CA GLN A 374 -14.62 19.27 -20.51
C GLN A 374 -13.99 19.04 -19.14
N VAL A 375 -13.22 20.02 -18.66
CA VAL A 375 -12.57 19.86 -17.35
C VAL A 375 -13.64 19.73 -16.28
N GLY A 376 -13.40 18.87 -15.29
CA GLY A 376 -14.33 18.67 -14.21
C GLY A 376 -14.24 17.27 -13.63
N ASP A 377 -15.07 16.99 -12.64
CA ASP A 377 -15.18 15.64 -12.10
C ASP A 377 -16.34 14.83 -12.68
N TYR A 378 -16.07 13.55 -12.87
CA TYR A 378 -17.09 12.63 -13.44
C TYR A 378 -17.09 11.38 -12.56
N LEU A 379 -18.28 10.91 -12.19
CA LEU A 379 -18.33 9.77 -11.28
C LEU A 379 -18.85 8.58 -12.07
N LEU A 380 -18.06 7.51 -12.02
CA LEU A 380 -18.51 6.21 -12.55
C LEU A 380 -18.82 5.27 -11.40
N THR A 381 -19.74 4.35 -11.67
CA THR A 381 -19.99 3.24 -10.74
C THR A 381 -19.86 1.93 -11.47
N TYR A 382 -18.97 1.08 -10.96
CA TYR A 382 -18.78 -0.26 -11.53
C TYR A 382 -19.58 -1.23 -10.72
N SER A 383 -20.21 -2.20 -11.39
CA SER A 383 -20.98 -3.25 -10.71
CA SER A 383 -20.97 -3.25 -10.72
C SER A 383 -20.72 -4.61 -11.31
N VAL A 384 -20.80 -5.64 -10.47
CA VAL A 384 -20.79 -6.99 -10.99
C VAL A 384 -21.67 -7.85 -10.06
N SER A 385 -22.38 -8.80 -10.68
CA SER A 385 -23.25 -9.68 -9.98
C SER A 385 -22.90 -11.15 -10.28
N SER A 386 -22.95 -11.97 -9.24
CA SER A 386 -22.75 -13.40 -9.36
C SER A 386 -23.35 -14.05 -8.11
N ASP A 387 -23.89 -15.26 -8.27
CA ASP A 387 -24.31 -16.04 -7.11
C ASP A 387 -25.35 -15.30 -6.23
N ASP A 388 -26.22 -14.53 -6.89
CA ASP A 388 -27.29 -13.81 -6.24
CA ASP A 388 -27.30 -13.80 -6.23
C ASP A 388 -26.79 -12.70 -5.31
N GLU A 389 -25.56 -12.26 -5.56
CA GLU A 389 -24.97 -11.14 -4.84
C GLU A 389 -24.45 -10.12 -5.86
N THR A 390 -24.28 -8.88 -5.38
CA THR A 390 -23.74 -7.81 -6.21
C THR A 390 -22.68 -7.00 -5.45
N THR A 391 -21.63 -6.58 -6.15
CA THR A 391 -20.63 -5.69 -5.57
C THR A 391 -20.56 -4.49 -6.47
N ASN A 392 -20.47 -3.30 -5.87
CA ASN A 392 -20.35 -2.05 -6.62
CA ASN A 392 -20.36 -2.06 -6.59
C ASN A 392 -19.20 -1.23 -6.02
N GLN A 393 -18.58 -0.39 -6.85
CA GLN A 393 -17.54 0.46 -6.39
C GLN A 393 -17.50 1.70 -7.25
N PRO A 394 -17.38 2.88 -6.61
CA PRO A 394 -17.29 4.11 -7.41
C PRO A 394 -15.88 4.38 -7.94
N ARG A 395 -15.78 5.28 -8.90
CA ARG A 395 -14.48 5.73 -9.40
C ARG A 395 -14.66 7.17 -9.87
N LYS A 396 -13.94 8.10 -9.29
CA LYS A 396 -13.95 9.48 -9.76
C LYS A 396 -12.96 9.65 -10.89
N ILE A 397 -13.38 10.28 -11.97
CA ILE A 397 -12.50 10.61 -13.05
C ILE A 397 -12.45 12.15 -13.13
N THR A 398 -11.25 12.72 -12.94
CA THR A 398 -11.07 14.18 -12.99
C THR A 398 -10.38 14.54 -14.27
N VAL A 399 -11.05 15.35 -15.09
CA VAL A 399 -10.43 15.92 -16.26
C VAL A 399 -9.81 17.28 -15.95
N TYR A 400 -8.52 17.42 -16.26
CA TYR A 400 -7.79 18.65 -15.94
C TYR A 400 -7.06 19.18 -17.13
N GLU A 401 -6.72 20.47 -17.05
CA GLU A 401 -5.91 21.09 -18.08
C GLU A 401 -4.68 21.71 -17.52
N ILE A 402 -3.64 21.70 -18.33
CA ILE A 402 -2.35 22.31 -17.97
C ILE A 402 -2.08 23.57 -18.79
N LEU A 403 -1.56 24.61 -18.13
CA LEU A 403 -1.29 25.88 -18.87
C LEU A 403 -0.04 25.68 -19.70
N PRO A 404 -0.02 26.20 -20.94
CA PRO A 404 1.20 26.24 -21.69
C PRO A 404 2.28 27.08 -20.99
N ALA A 405 3.49 27.05 -21.55
CA ALA A 405 4.58 27.84 -21.02
C ALA A 405 5.38 28.53 -22.09
N PHE A 406 5.72 29.78 -21.80
CA PHE A 406 6.57 30.56 -22.67
C PHE A 406 8.02 30.31 -22.33
N THR A 407 8.90 30.40 -23.31
CA THR A 407 10.32 30.53 -23.04
C THR A 407 10.89 31.67 -23.85
N GLY A 408 11.94 32.26 -23.32
CA GLY A 408 12.66 33.26 -24.08
C GLY A 408 12.12 34.68 -23.93
N ILE A 409 11.16 34.90 -23.04
CA ILE A 409 10.58 36.26 -22.84
C ILE A 409 11.23 36.86 -21.58
N THR A 410 12.46 37.25 -21.70
CA THR A 410 13.07 37.85 -20.53
C THR A 410 13.53 39.24 -20.88
N ASP A 411 13.54 40.09 -19.88
CA ASP A 411 13.95 41.49 -20.14
C ASP A 411 15.35 41.52 -20.67
N THR A 412 15.61 42.47 -21.61
CA THR A 412 16.91 42.48 -22.24
C THR A 412 17.33 43.90 -22.57
N THR A 413 18.62 44.10 -22.67
CA THR A 413 19.14 45.41 -23.03
C THR A 413 19.90 45.24 -24.32
N VAL A 414 19.64 46.06 -25.32
CA VAL A 414 20.33 45.99 -26.62
C VAL A 414 20.95 47.36 -26.96
N VAL A 415 21.94 47.36 -27.85
CA VAL A 415 22.64 48.58 -28.22
CA VAL A 415 22.64 48.58 -28.20
C VAL A 415 21.90 49.29 -29.35
N ILE A 416 21.99 50.60 -29.34
CA ILE A 416 21.45 51.44 -30.37
C ILE A 416 21.84 50.92 -31.77
N ASP A 417 20.85 50.93 -32.66
CA ASP A 417 20.97 50.58 -34.08
C ASP A 417 21.19 49.10 -34.30
N SER A 418 21.08 48.30 -33.23
CA SER A 418 21.13 46.86 -33.44
C SER A 418 19.81 46.35 -34.03
N GLU A 419 19.87 45.20 -34.66
CA GLU A 419 18.67 44.57 -35.17
C GLU A 419 18.00 43.84 -34.03
N PHE A 420 16.70 44.04 -33.87
CA PHE A 420 15.99 43.35 -32.81
C PHE A 420 14.76 42.66 -33.39
N ASP A 421 14.67 41.35 -33.15
CA ASP A 421 13.54 40.55 -33.58
C ASP A 421 12.81 40.08 -32.34
N PRO A 422 11.58 40.56 -32.11
CA PRO A 422 10.83 40.19 -30.91
C PRO A 422 10.58 38.69 -30.77
N MET A 423 10.72 37.94 -31.86
CA MET A 423 10.46 36.50 -31.74
C MET A 423 11.73 35.65 -31.63
N GLN A 424 12.88 36.27 -31.73
CA GLN A 424 14.12 35.53 -31.62
CA GLN A 424 14.13 35.52 -31.62
C GLN A 424 14.23 34.91 -30.26
N GLY A 425 14.45 33.58 -30.26
CA GLY A 425 14.59 32.86 -29.01
C GLY A 425 13.32 32.67 -28.21
N VAL A 426 12.19 33.05 -28.78
CA VAL A 426 10.92 32.97 -28.10
C VAL A 426 10.11 31.75 -28.59
N SER A 427 9.58 30.98 -27.66
CA SER A 427 8.74 29.84 -28.04
C SER A 427 7.67 29.57 -26.94
N ALA A 428 6.73 28.66 -27.25
CA ALA A 428 5.79 28.21 -26.25
C ALA A 428 5.50 26.75 -26.55
N SER A 429 5.18 26.06 -25.47
CA SER A 429 4.91 24.63 -25.57
C SER A 429 3.74 24.26 -24.65
N HIS A 430 3.15 23.10 -24.95
CA HIS A 430 2.09 22.57 -24.11
C HIS A 430 2.26 21.06 -24.22
N PRO A 431 1.94 20.34 -23.15
CA PRO A 431 2.26 18.90 -23.23
C PRO A 431 1.49 18.09 -24.27
N THR A 432 0.26 18.51 -24.58
CA THR A 432 -0.52 17.77 -25.59
C THR A 432 -0.66 18.51 -26.89
N GLN A 433 -0.56 19.86 -26.86
CA GLN A 433 -0.75 20.61 -28.09
CA GLN A 433 -0.70 20.62 -28.11
C GLN A 433 0.64 20.78 -28.78
N GLY A 434 1.76 20.57 -28.05
CA GLY A 434 3.06 20.58 -28.68
C GLY A 434 3.63 21.99 -28.82
N ASP A 435 4.26 22.23 -29.96
CA ASP A 435 4.92 23.54 -30.21
C ASP A 435 3.83 24.57 -30.55
N LEU A 436 3.72 25.61 -29.73
CA LEU A 436 2.72 26.67 -29.90
C LEU A 436 3.35 28.01 -30.29
N THR A 437 4.61 27.97 -30.75
CA THR A 437 5.30 29.20 -31.09
C THR A 437 4.53 30.04 -32.13
N ALA A 438 3.90 29.36 -33.10
CA ALA A 438 3.21 30.10 -34.19
C ALA A 438 1.94 30.74 -33.70
N ASN A 439 1.55 30.46 -32.44
CA ASN A 439 0.33 31.04 -31.85
C ASN A 439 0.56 32.24 -30.91
N ILE A 440 1.79 32.73 -30.94
CA ILE A 440 2.23 33.90 -30.17
C ILE A 440 2.13 35.19 -31.03
N THR A 441 1.49 36.19 -30.46
CA THR A 441 1.47 37.53 -31.10
C THR A 441 2.19 38.49 -30.20
N VAL A 442 2.68 39.59 -30.81
CA VAL A 442 3.45 40.58 -30.09
C VAL A 442 2.80 41.95 -30.22
N THR A 443 2.45 42.54 -29.08
CA THR A 443 1.91 43.94 -29.02
C THR A 443 3.04 44.87 -28.59
N GLY A 444 3.19 45.99 -29.31
CA GLY A 444 4.29 46.90 -29.09
C GLY A 444 5.45 46.69 -30.04
N GLU A 445 6.33 47.69 -30.11
CA GLU A 445 7.50 47.68 -30.96
C GLU A 445 8.70 48.20 -30.19
N VAL A 446 9.88 47.75 -30.61
CA VAL A 446 11.14 48.31 -30.12
C VAL A 446 11.74 49.15 -31.23
N ASP A 447 12.15 50.40 -30.94
CA ASP A 447 12.81 51.24 -31.92
C ASP A 447 14.28 51.34 -31.49
N THR A 448 15.17 50.53 -32.09
CA THR A 448 16.54 50.54 -31.63
C THR A 448 17.32 51.79 -32.10
N ASN A 449 16.71 52.67 -32.91
CA ASN A 449 17.36 53.94 -33.26
C ASN A 449 17.22 55.00 -32.15
N VAL A 450 16.31 54.73 -31.18
CA VAL A 450 15.93 55.72 -30.15
C VAL A 450 16.15 55.13 -28.75
N VAL A 451 17.04 55.74 -27.97
CA VAL A 451 17.35 55.26 -26.61
C VAL A 451 16.09 55.30 -25.80
N GLY A 452 15.85 54.27 -25.01
CA GLY A 452 14.75 54.26 -24.09
C GLY A 452 14.32 52.84 -23.79
N VAL A 453 13.15 52.76 -23.16
CA VAL A 453 12.61 51.51 -22.65
C VAL A 453 11.31 51.18 -23.36
N TYR A 454 11.24 50.01 -23.98
CA TYR A 454 10.12 49.59 -24.82
C TYR A 454 9.48 48.39 -24.18
N GLU A 455 8.16 48.43 -24.03
CA GLU A 455 7.43 47.30 -23.47
C GLU A 455 6.81 46.52 -24.60
N LEU A 456 6.95 45.19 -24.50
CA LEU A 456 6.32 44.27 -25.46
C LEU A 456 5.38 43.36 -24.68
N THR A 457 4.19 43.16 -25.18
CA THR A 457 3.24 42.23 -24.56
C THR A 457 3.12 41.03 -25.50
N TYR A 458 3.53 39.87 -24.98
CA TYR A 458 3.38 38.63 -25.75
C TYR A 458 2.07 38.02 -25.35
N GLN A 459 1.29 37.59 -26.34
CA GLN A 459 0.05 36.86 -26.10
C GLN A 459 0.13 35.51 -26.79
N LEU A 460 -0.27 34.50 -26.06
CA LEU A 460 -0.36 33.15 -26.61
C LEU A 460 -1.82 32.71 -26.63
N PHE A 461 -2.29 32.26 -27.79
CA PHE A 461 -3.67 31.76 -27.92
C PHE A 461 -3.60 30.29 -28.19
N TYR A 462 -4.49 29.55 -27.52
CA TYR A 462 -4.37 28.10 -27.59
C TYR A 462 -5.68 27.46 -27.20
N GLY A 463 -5.64 26.12 -27.12
CA GLY A 463 -6.84 25.41 -26.81
C GLY A 463 -7.75 25.37 -28.02
N GLN A 464 -8.97 24.89 -27.74
CA GLN A 464 -9.95 24.70 -28.78
C GLN A 464 -10.27 26.06 -29.42
N ASP A 465 -10.12 26.10 -30.73
CA ASP A 465 -10.37 27.29 -31.54
C ASP A 465 -9.54 28.51 -31.07
N ASN A 466 -8.42 28.23 -30.41
CA ASN A 466 -7.55 29.30 -29.94
C ASN A 466 -8.28 30.33 -29.10
N GLN A 467 -9.27 29.86 -28.34
CA GLN A 467 -10.04 30.78 -27.45
C GLN A 467 -9.54 30.88 -26.00
N GLN A 468 -8.48 30.19 -25.69
CA GLN A 468 -7.77 30.42 -24.44
CA GLN A 468 -7.78 30.43 -24.43
C GLN A 468 -6.55 31.30 -24.68
N ASN A 469 -6.18 32.09 -23.67
CA ASN A 469 -5.10 33.02 -23.85
CA ASN A 469 -5.14 33.08 -23.82
C ASN A 469 -4.29 33.17 -22.56
N MET A 470 -3.01 33.52 -22.73
CA MET A 470 -2.17 33.90 -21.61
C MET A 470 -1.19 34.95 -22.11
N THR A 471 -0.78 35.81 -21.19
CA THR A 471 0.01 36.97 -21.54
C THR A 471 1.27 37.05 -20.70
N ASP A 472 2.30 37.61 -21.32
CA ASP A 472 3.52 37.89 -20.55
C ASP A 472 4.13 39.20 -21.14
N LYS A 473 4.76 39.97 -20.27
CA LYS A 473 5.36 41.25 -20.68
C LYS A 473 6.89 41.17 -20.68
N ARG A 474 7.52 41.90 -21.58
CA ARG A 474 8.98 41.96 -21.68
C ARG A 474 9.39 43.42 -21.83
N ILE A 475 10.46 43.78 -21.15
CA ILE A 475 11.03 45.12 -21.25
C ILE A 475 12.28 45.07 -22.04
N VAL A 476 12.32 45.83 -23.13
CA VAL A 476 13.54 45.90 -23.93
C VAL A 476 14.12 47.31 -23.85
N THR A 477 15.34 47.39 -23.32
CA THR A 477 15.98 48.70 -23.11
C THR A 477 17.04 48.91 -24.16
N VAL A 478 16.96 50.04 -24.87
CA VAL A 478 17.92 50.42 -25.91
C VAL A 478 18.88 51.42 -25.30
N VAL A 479 20.16 51.12 -25.34
CA VAL A 479 21.17 52.01 -24.71
C VAL A 479 22.20 52.47 -25.72
N THR A 480 22.76 53.66 -25.50
CA THR A 480 23.66 54.16 -26.48
C THR A 480 24.98 53.45 -26.28
N ASP A 481 25.79 53.44 -27.32
CA ASP A 481 27.20 53.04 -27.22
C ASP A 481 28.08 54.26 -26.91
N ALA A 482 27.48 55.47 -26.96
CA ALA A 482 28.23 56.72 -26.79
C ALA A 482 28.95 56.76 -25.45
N VAL A 483 30.18 57.27 -25.49
CA VAL A 483 30.96 57.44 -24.29
C VAL A 483 30.56 58.73 -23.65
N SER A 484 30.30 58.64 -22.35
CA SER A 484 29.84 59.76 -21.55
C SER A 484 30.86 60.08 -20.47
N ASP A 485 30.75 61.27 -19.89
CA ASP A 485 31.53 61.61 -18.72
C ASP A 485 31.14 60.66 -17.59
N ASP A 486 32.11 60.34 -16.74
CA ASP A 486 31.88 59.34 -15.73
C ASP A 486 30.79 59.84 -14.72
N ASP A 487 29.99 58.89 -14.21
CA ASP A 487 28.90 59.24 -13.30
C ASP A 487 29.46 59.98 -12.08
N TRP A 488 28.74 60.99 -11.63
CA TRP A 488 29.04 61.62 -10.34
C TRP A 488 28.96 60.62 -9.19
N GLN A 489 29.92 60.73 -8.25
CA GLN A 489 29.88 59.90 -7.03
C GLN A 489 29.97 60.78 -5.82
N VAL A 490 29.14 60.48 -4.82
CA VAL A 490 29.00 61.33 -3.65
C VAL A 490 30.27 61.39 -2.83
N GLY A 491 31.11 60.36 -2.95
CA GLY A 491 32.32 60.29 -2.12
C GLY A 491 33.56 60.76 -2.85
N SER A 492 33.41 61.16 -4.12
CA SER A 492 34.58 61.54 -4.90
C SER A 492 34.84 63.02 -4.76
N THR A 493 36.08 63.37 -5.03
CA THR A 493 36.51 64.75 -4.96
C THR A 493 36.74 65.24 -6.40
N TYR A 494 36.12 66.36 -6.73
CA TYR A 494 36.21 67.01 -8.05
C TYR A 494 36.80 68.38 -7.91
N VAL A 495 37.47 68.82 -8.96
CA VAL A 495 37.98 70.18 -9.03
C VAL A 495 37.56 70.90 -10.29
N LYS A 496 37.92 72.17 -10.38
CA LYS A 496 37.46 72.97 -11.49
C LYS A 496 37.68 72.30 -12.85
N ASP A 497 36.59 72.30 -13.62
CA ASP A 497 36.51 71.79 -14.99
C ASP A 497 36.39 70.30 -15.14
N ASP A 498 36.40 69.59 -14.02
CA ASP A 498 36.06 68.16 -14.09
C ASP A 498 34.62 68.01 -14.55
N LYS A 499 34.32 66.99 -15.35
CA LYS A 499 32.96 66.82 -15.84
C LYS A 499 32.40 65.51 -15.37
N VAL A 500 31.09 65.49 -15.05
CA VAL A 500 30.43 64.29 -14.57
C VAL A 500 29.05 64.23 -15.20
N THR A 501 28.53 63.02 -15.30
CA THR A 501 27.15 62.81 -15.71
C THR A 501 26.33 62.56 -14.47
N HIS A 502 25.14 63.13 -14.39
CA HIS A 502 24.25 62.88 -13.23
C HIS A 502 22.84 63.31 -13.58
N ASN A 503 21.89 62.41 -13.33
CA ASN A 503 20.51 62.70 -13.57
C ASN A 503 20.31 63.18 -14.99
N GLY A 504 20.94 62.45 -15.91
CA GLY A 504 20.67 62.70 -17.30
C GLY A 504 21.42 63.85 -17.96
N ALA A 505 22.20 64.61 -17.19
CA ALA A 505 22.92 65.79 -17.73
C ALA A 505 24.40 65.66 -17.44
N THR A 506 25.20 66.44 -18.19
CA THR A 506 26.62 66.57 -18.01
C THR A 506 26.86 67.91 -17.33
N TRP A 507 27.50 67.84 -16.18
CA TRP A 507 27.77 68.96 -15.31
C TRP A 507 29.28 69.25 -15.19
N THR A 508 29.60 70.53 -15.03
CA THR A 508 30.99 70.95 -14.89
C THR A 508 31.20 71.64 -13.53
N ALA A 509 32.20 71.15 -12.78
CA ALA A 509 32.62 71.71 -11.50
C ALA A 509 33.25 73.09 -11.64
N GLN A 510 32.81 74.01 -10.80
CA GLN A 510 33.31 75.40 -10.86
C GLN A 510 34.33 75.62 -9.80
N TRP A 511 34.52 74.64 -8.92
CA TRP A 511 35.58 74.68 -7.90
C TRP A 511 35.65 73.33 -7.20
N TRP A 512 36.37 73.28 -6.10
CA TRP A 512 36.55 72.07 -5.32
C TRP A 512 35.26 71.59 -4.66
N THR A 513 34.93 70.30 -4.87
CA THR A 513 33.73 69.79 -4.29
C THR A 513 33.79 68.29 -3.99
N LYS A 514 33.14 67.96 -2.88
CA LYS A 514 32.97 66.59 -2.43
C LYS A 514 31.62 66.47 -1.77
N GLY A 515 30.78 65.56 -2.24
CA GLY A 515 29.50 65.33 -1.59
C GLY A 515 28.33 66.23 -1.99
N GLU A 516 28.48 67.01 -3.08
CA GLU A 516 27.38 67.91 -3.50
C GLU A 516 26.77 67.41 -4.76
N GLU A 517 25.46 67.19 -4.71
CA GLU A 517 24.77 66.57 -5.83
C GLU A 517 24.52 67.54 -7.00
N PRO A 518 24.95 67.15 -8.21
CA PRO A 518 24.60 68.03 -9.34
C PRO A 518 23.10 68.21 -9.50
N GLY A 519 22.70 69.44 -9.83
CA GLY A 519 21.28 69.72 -9.93
C GLY A 519 20.66 70.28 -8.64
N THR A 520 21.40 70.18 -7.53
CA THR A 520 20.81 70.63 -6.27
C THR A 520 21.50 71.90 -5.76
N THR A 521 22.42 72.45 -6.52
CA THR A 521 23.18 73.59 -6.00
C THR A 521 22.78 74.90 -6.60
N GLY A 522 21.59 74.98 -7.18
CA GLY A 522 21.04 76.28 -7.50
C GLY A 522 21.58 76.88 -8.75
N GLU A 523 21.30 78.16 -8.90
CA GLU A 523 21.64 78.88 -10.10
C GLU A 523 23.15 79.22 -10.06
N TRP A 524 23.70 79.47 -8.87
CA TRP A 524 25.04 79.95 -8.77
C TRP A 524 25.95 79.11 -7.87
N GLY A 525 25.75 77.80 -7.84
CA GLY A 525 26.60 76.89 -7.10
C GLY A 525 27.74 76.16 -7.82
N VAL A 526 28.24 75.08 -7.20
CA VAL A 526 29.46 74.44 -7.72
C VAL A 526 29.27 73.63 -9.03
N TRP A 527 28.05 73.11 -9.25
CA TRP A 527 27.78 72.35 -10.46
C TRP A 527 26.98 73.16 -11.45
N ARG A 528 27.47 73.31 -12.67
CA ARG A 528 26.69 73.98 -13.70
C ARG A 528 26.63 73.19 -15.01
C1 NAG B . 6.24 -4.94 15.88
C2 NAG B . 6.26 -5.89 14.75
C3 NAG B . 6.27 -7.31 15.26
C4 NAG B . 7.39 -7.52 16.24
C5 NAG B . 7.38 -6.38 17.22
C6 NAG B . 8.57 -6.49 18.14
C7 NAG B . 5.29 -5.20 12.56
C8 NAG B . 4.06 -5.03 11.71
N2 NAG B . 5.15 -5.67 13.88
O1 NAG B . 6.24 -3.69 15.35
O3 NAG B . 6.37 -8.05 14.13
O4 NAG B . 7.29 -8.71 16.95
O5 NAG B . 7.35 -5.16 16.64
O6 NAG B . 9.67 -6.39 17.34
O7 NAG B . 6.33 -4.97 12.11
C1 NDG B . 6.37 -4.86 15.81
C2 NDG B . 6.28 -5.89 14.72
C3 NDG B . 6.28 -7.30 15.25
C4 NDG B . 7.40 -7.54 16.22
C5 NDG B . 7.45 -6.40 17.18
C6 NDG B . 8.75 -6.50 17.95
C7 NDG B . 5.29 -5.20 12.56
C8 NDG B . 4.05 -5.03 11.72
O5 NDG B . 7.39 -5.15 16.63
O3 NDG B . 6.34 -8.08 14.15
O4 NDG B . 7.29 -8.71 16.95
O6 NDG B . 8.56 -5.69 19.04
O7 NDG B . 6.33 -4.97 12.11
N2 NDG B . 5.15 -5.67 13.88
O1 NDG B . 5.25 -4.74 16.53
C1 NAG B . 7.25 -9.95 16.17
C2 NAG B . 7.91 -10.99 16.98
C3 NAG B . 7.73 -12.36 16.32
C4 NAG B . 6.27 -12.56 16.00
C5 NAG B . 5.68 -11.38 15.27
C6 NAG B . 4.19 -11.45 14.92
C7 NAG B . 9.93 -10.25 18.25
C8 NAG B . 11.39 -9.90 18.10
N2 NAG B . 9.33 -10.69 17.10
O3 NAG B . 8.31 -13.35 17.16
O4 NAG B . 6.15 -13.77 15.26
O5 NAG B . 5.87 -10.24 16.09
O6 NAG B . 3.48 -11.91 16.03
O7 NAG B . 9.33 -10.10 19.31
C1 NAG B . 4.93 -14.70 15.52
C2 NAG B . 5.33 -15.90 14.72
C3 NAG B . 6.09 -16.92 15.54
C4 NAG B . 6.59 -16.28 16.86
C5 NAG B . 5.42 -15.73 17.61
C6 NAG B . 5.86 -15.14 18.97
C7 NAG B . 2.96 -16.79 14.62
C8 NAG B . 1.90 -17.45 13.81
N2 NAG B . 4.17 -16.50 13.98
O3 NAG B . 7.23 -17.34 14.74
O4 NAG B . 7.27 -17.27 17.65
O5 NAG B . 4.78 -14.73 16.88
O6 NAG B . 4.81 -14.47 19.57
O7 NAG B . 2.71 -16.50 15.77
C1 NAG B . 8.78 -17.38 17.61
C2 NAG B . 9.23 -18.00 18.90
C3 NAG B . 10.74 -18.17 18.83
C4 NAG B . 11.15 -18.86 17.52
C5 NAG B . 10.50 -18.23 16.28
C6 NAG B . 10.66 -19.06 14.98
C7 NAG B . 8.03 -17.74 21.09
C8 NAG B . 7.80 -16.80 22.26
N2 NAG B . 8.83 -17.24 20.08
O3 NAG B . 11.24 -18.87 19.97
O4 NAG B . 12.54 -18.75 17.40
O5 NAG B . 9.10 -18.14 16.45
O6 NAG B . 10.15 -18.36 13.87
O7 NAG B . 7.54 -18.91 21.03
C1 GOL C . -12.84 5.77 -4.56
O1 GOL C . -13.64 6.28 -5.63
C2 GOL C . -12.20 4.43 -4.90
O2 GOL C . -13.28 3.54 -5.10
C3 GOL C . -11.19 4.49 -6.04
O3 GOL C . -10.05 5.36 -5.70
C1 GOL D . 8.94 -4.76 4.96
O1 GOL D . 9.31 -5.59 6.02
C2 GOL D . 7.67 -5.22 4.27
O2 GOL D . 7.71 -6.57 3.92
C3 GOL D . 6.45 -5.10 5.15
O3 GOL D . 6.22 -3.74 5.48
C1 GOL E . 15.01 -29.07 -1.05
O1 GOL E . 15.81 -28.39 -0.07
C2 GOL E . 14.29 -27.93 -1.77
O2 GOL E . 14.81 -26.86 -1.04
C3 GOL E . 14.68 -27.82 -3.26
O3 GOL E . 13.58 -27.62 -4.13
NA NA F . -3.42 -35.70 5.54
S SO4 G . 11.81 -13.90 22.95
O1 SO4 G . 11.75 -14.64 21.68
O2 SO4 G . 10.61 -14.05 23.75
O3 SO4 G . 13.10 -14.28 23.64
O4 SO4 G . 12.09 -12.48 22.59
N GLY H . -12.72 -21.18 -0.52
CA GLY H . -12.76 -22.54 0.02
C GLY H . -11.79 -23.48 -0.69
O GLY H . -11.36 -23.26 -1.84
OXT GLY H . -11.37 -24.48 -0.15
N GLY I . 1.72 -17.99 35.34
CA GLY I . 0.42 -18.47 35.77
C GLY I . 0.22 -19.84 35.16
O GLY I . 1.19 -20.54 34.82
OXT GLY I . -0.91 -20.27 34.97
N GLY J . -5.46 0.77 10.87
CA GLY J . -4.03 1.09 10.87
C GLY J . -3.05 -0.08 11.02
O GLY J . -2.28 -0.43 10.09
OXT GLY J . -2.97 -0.76 12.07
#